data_1SR7
#
_entry.id   1SR7
#
_cell.length_a   58.112
_cell.length_b   64.256
_cell.length_c   70.091
_cell.angle_alpha   90.00
_cell.angle_beta   96.88
_cell.angle_gamma   90.00
#
_symmetry.space_group_name_H-M   'P 1 21 1'
#
loop_
_entity.id
_entity.type
_entity.pdbx_description
1 polymer 'Progesterone receptor'
2 non-polymer 'MOMETASONE FUROATE'
3 non-polymer 'SULFATE ION'
4 non-polymer GLYCEROL
5 water water
#
_entity_poly.entity_id   1
_entity_poly.type   'polypeptide(L)'
_entity_poly.pdbx_seq_one_letter_code
;GSPGQDIQLIPPLINLLMSIEPDVIYAGHDNTKPDTSSSLLTSLNQLGERQLLSVVKWSKSLPGFRNLHIDDQITLIQYS
WMSLMVFGLGWRSYKHVSGQMLYFAPDLILNEQRMKESSFYSLCLTMWQIPQEFVKLQVSQEEFLCMKVLLLLNTIPLEG
LRSQTQFEEMRSSYIRELIKAIGLRQKGVVSSSQRFYQLTKLLDNLHDLVKQLHLYCLNTFIQSRALSVEFPEMMSEVIA
AQLPKILAGMVKPLLFHKK
;
_entity_poly.pdbx_strand_id   A,B
#
loop_
_chem_comp.id
_chem_comp.type
_chem_comp.name
_chem_comp.formula
GOL non-polymer GLYCEROL 'C3 H8 O3'
MOF non-polymer 'MOMETASONE FUROATE' 'C27 H30 Cl2 O6'
SO4 non-polymer 'SULFATE ION' 'O4 S -2'
#
# COMPACT_ATOMS: atom_id res chain seq x y z
N GLN A 8 -38.80 -3.26 -26.18
CA GLN A 8 -39.15 -1.85 -25.83
C GLN A 8 -38.20 -0.96 -26.63
N LEU A 9 -38.10 0.32 -26.29
CA LEU A 9 -36.96 1.08 -26.79
C LEU A 9 -35.75 0.69 -25.88
N ILE A 10 -36.01 0.06 -24.71
CA ILE A 10 -34.87 -0.27 -23.83
C ILE A 10 -34.19 -1.58 -24.21
N PRO A 11 -32.89 -1.52 -24.49
CA PRO A 11 -32.18 -2.66 -25.05
C PRO A 11 -32.23 -3.87 -24.10
N PRO A 12 -32.32 -5.12 -24.59
CA PRO A 12 -32.57 -6.24 -23.69
C PRO A 12 -31.47 -6.47 -22.67
N LEU A 13 -30.24 -6.18 -22.97
CA LEU A 13 -29.16 -6.43 -21.96
C LEU A 13 -29.37 -5.47 -20.76
N ILE A 14 -29.81 -4.25 -21.04
CA ILE A 14 -30.04 -3.28 -19.97
C ILE A 14 -31.20 -3.69 -19.23
N ASN A 15 -32.25 -4.24 -19.88
CA ASN A 15 -33.40 -4.63 -19.05
C ASN A 15 -33.02 -5.82 -18.12
N LEU A 16 -32.14 -6.63 -18.66
CA LEU A 16 -31.53 -7.81 -17.90
C LEU A 16 -30.76 -7.30 -16.66
N LEU A 17 -29.92 -6.30 -16.89
CA LEU A 17 -29.14 -5.73 -15.79
C LEU A 17 -30.09 -5.18 -14.79
N MET A 18 -31.19 -4.51 -15.23
CA MET A 18 -32.12 -4.03 -14.23
C MET A 18 -32.74 -5.17 -13.37
N SER A 19 -33.12 -6.28 -14.00
CA SER A 19 -33.67 -7.44 -13.26
C SER A 19 -32.75 -8.15 -12.33
N ILE A 20 -31.42 -8.03 -12.64
CA ILE A 20 -30.46 -8.73 -11.70
C ILE A 20 -29.95 -7.86 -10.59
N GLU A 21 -30.32 -6.59 -10.58
CA GLU A 21 -29.90 -5.74 -9.44
C GLU A 21 -30.34 -6.38 -8.05
N PRO A 22 -29.44 -6.35 -7.05
CA PRO A 22 -29.76 -6.92 -5.73
C PRO A 22 -30.98 -6.24 -5.11
N ASP A 23 -31.71 -6.98 -4.25
CA ASP A 23 -32.82 -6.33 -3.60
C ASP A 23 -32.12 -5.47 -2.48
N VAL A 24 -32.97 -4.78 -1.79
CA VAL A 24 -32.54 -3.88 -0.72
C VAL A 24 -31.87 -4.67 0.33
N ILE A 25 -30.71 -4.15 0.84
CA ILE A 25 -29.98 -4.81 1.99
C ILE A 25 -29.97 -3.87 3.14
N TYR A 26 -30.41 -4.41 4.26
CA TYR A 26 -30.42 -3.70 5.54
C TYR A 26 -29.08 -3.89 6.23
N ALA A 27 -28.64 -2.93 6.98
CA ALA A 27 -27.43 -3.07 7.75
C ALA A 27 -27.62 -3.88 9.02
N GLY A 28 -28.83 -3.88 9.58
CA GLY A 28 -29.08 -4.44 10.90
C GLY A 28 -28.64 -3.52 12.07
N HIS A 29 -28.49 -2.24 11.81
CA HIS A 29 -27.97 -1.28 12.81
C HIS A 29 -28.96 -1.12 13.98
N ASP A 30 -28.45 -1.05 15.21
CA ASP A 30 -29.26 -0.83 16.43
C ASP A 30 -29.50 0.66 16.65
N ASN A 31 -30.67 1.12 16.27
CA ASN A 31 -30.99 2.53 16.28
C ASN A 31 -31.57 2.97 17.67
N PRO A 34 -27.33 5.53 20.87
CA PRO A 34 -26.62 6.73 20.39
C PRO A 34 -25.45 6.53 19.37
N ASP A 35 -25.38 7.51 18.43
CA ASP A 35 -24.32 7.47 17.42
C ASP A 35 -22.94 7.53 18.03
N THR A 36 -22.08 6.62 17.59
CA THR A 36 -20.68 6.60 17.95
C THR A 36 -19.87 6.15 16.74
N SER A 37 -18.83 6.89 16.43
CA SER A 37 -17.94 6.52 15.32
C SER A 37 -17.55 4.99 15.29
N SER A 38 -16.97 4.47 16.31
CA SER A 38 -16.60 3.07 16.25
C SER A 38 -17.74 2.01 16.02
N SER A 39 -18.88 2.24 16.66
CA SER A 39 -20.02 1.28 16.49
C SER A 39 -20.59 1.50 15.10
N LEU A 40 -20.60 2.74 14.65
CA LEU A 40 -20.96 3.09 13.27
C LEU A 40 -20.08 2.34 12.26
N LEU A 41 -18.78 2.33 12.50
CA LEU A 41 -17.91 1.63 11.58
C LEU A 41 -18.19 0.17 11.60
N THR A 42 -18.46 -0.44 12.79
CA THR A 42 -18.66 -1.87 12.76
C THR A 42 -20.00 -2.16 11.97
N SER A 43 -21.03 -1.28 12.14
CA SER A 43 -22.25 -1.47 11.39
C SER A 43 -22.03 -1.31 9.91
N LEU A 44 -21.15 -0.40 9.46
CA LEU A 44 -20.86 -0.21 8.09
C LEU A 44 -20.16 -1.49 7.52
N ASN A 45 -19.31 -2.07 8.36
CA ASN A 45 -18.62 -3.32 7.83
C ASN A 45 -19.56 -4.51 7.82
N GLN A 46 -20.54 -4.56 8.75
CA GLN A 46 -21.56 -5.57 8.79
C GLN A 46 -22.38 -5.46 7.48
N LEU A 47 -22.81 -4.21 7.16
CA LEU A 47 -23.51 -4.03 5.93
C LEU A 47 -22.64 -4.49 4.74
N GLY A 48 -21.35 -4.10 4.73
CA GLY A 48 -20.39 -4.42 3.64
C GLY A 48 -20.37 -5.98 3.45
N GLU A 49 -20.47 -6.75 4.53
CA GLU A 49 -20.41 -8.25 4.42
C GLU A 49 -21.65 -8.66 3.69
N ARG A 50 -22.84 -8.09 4.06
CA ARG A 50 -24.06 -8.49 3.35
C ARG A 50 -24.04 -8.06 1.87
N GLN A 51 -23.44 -6.89 1.58
CA GLN A 51 -23.35 -6.40 0.23
C GLN A 51 -22.38 -7.25 -0.55
N LEU A 52 -21.37 -7.81 0.09
CA LEU A 52 -20.42 -8.61 -0.61
C LEU A 52 -21.09 -9.87 -1.08
N LEU A 53 -21.83 -10.53 -0.22
CA LEU A 53 -22.62 -11.66 -0.69
C LEU A 53 -23.44 -11.32 -1.95
N SER A 54 -24.10 -10.16 -1.89
CA SER A 54 -24.98 -9.71 -2.95
C SER A 54 -24.22 -9.46 -4.25
N VAL A 55 -23.02 -8.88 -4.20
CA VAL A 55 -22.23 -8.64 -5.38
C VAL A 55 -21.81 -9.99 -5.98
N VAL A 56 -21.44 -10.99 -5.18
CA VAL A 56 -20.94 -12.24 -5.80
C VAL A 56 -22.22 -12.89 -6.45
N LYS A 57 -23.37 -12.85 -5.80
CA LYS A 57 -24.58 -13.46 -6.45
C LYS A 57 -24.88 -12.73 -7.73
N TRP A 58 -24.87 -11.36 -7.70
CA TRP A 58 -25.08 -10.61 -8.95
C TRP A 58 -24.14 -11.03 -10.03
N SER A 59 -22.84 -11.19 -9.70
CA SER A 59 -21.89 -11.55 -10.69
C SER A 59 -22.29 -12.88 -11.41
N LYS A 60 -22.88 -13.78 -10.63
CA LYS A 60 -23.24 -15.14 -11.16
C LYS A 60 -24.33 -14.99 -12.21
N SER A 61 -25.08 -13.90 -12.21
CA SER A 61 -26.12 -13.71 -13.25
C SER A 61 -25.70 -12.73 -14.32
N LEU A 62 -24.58 -12.01 -14.11
CA LEU A 62 -24.20 -11.05 -15.08
C LEU A 62 -23.73 -11.62 -16.41
N PRO A 63 -24.42 -11.30 -17.50
CA PRO A 63 -23.96 -11.95 -18.83
C PRO A 63 -22.55 -11.86 -19.14
N GLY A 64 -21.91 -13.01 -19.41
CA GLY A 64 -20.49 -13.07 -19.77
C GLY A 64 -19.59 -13.40 -18.58
N PHE A 65 -19.94 -13.02 -17.37
CA PHE A 65 -18.91 -13.11 -16.31
C PHE A 65 -18.58 -14.51 -15.90
N ARG A 66 -19.62 -15.38 -15.80
CA ARG A 66 -19.39 -16.79 -15.39
C ARG A 66 -18.51 -17.55 -16.41
N ASN A 67 -18.31 -17.04 -17.65
CA ASN A 67 -17.56 -17.76 -18.64
C ASN A 67 -16.08 -17.43 -18.55
N LEU A 68 -15.68 -16.37 -17.81
CA LEU A 68 -14.26 -16.16 -17.55
C LEU A 68 -13.73 -17.24 -16.65
N HIS A 69 -12.42 -17.48 -16.65
CA HIS A 69 -11.88 -18.48 -15.74
C HIS A 69 -12.30 -18.11 -14.32
N ILE A 70 -12.57 -19.10 -13.51
CA ILE A 70 -12.99 -18.86 -12.12
C ILE A 70 -11.92 -18.06 -11.36
N ASP A 71 -10.63 -18.21 -11.64
CA ASP A 71 -9.66 -17.41 -10.90
C ASP A 71 -9.81 -15.94 -11.28
N ASP A 72 -10.11 -15.64 -12.55
CA ASP A 72 -10.28 -14.24 -13.03
C ASP A 72 -11.56 -13.77 -12.34
N GLN A 73 -12.63 -14.56 -12.25
CA GLN A 73 -13.87 -14.06 -11.58
C GLN A 73 -13.57 -13.60 -10.19
N ILE A 74 -12.82 -14.46 -9.44
CA ILE A 74 -12.50 -14.09 -8.08
C ILE A 74 -11.59 -12.95 -7.96
N THR A 75 -10.57 -12.79 -8.82
CA THR A 75 -9.64 -11.70 -8.81
C THR A 75 -10.46 -10.35 -9.08
N LEU A 76 -11.35 -10.36 -10.08
CA LEU A 76 -12.01 -9.11 -10.41
C LEU A 76 -12.94 -8.71 -9.27
N ILE A 77 -13.61 -9.61 -8.61
CA ILE A 77 -14.45 -9.24 -7.40
C ILE A 77 -13.50 -8.71 -6.30
N GLN A 78 -12.38 -9.39 -6.05
CA GLN A 78 -11.49 -8.89 -5.00
C GLN A 78 -10.87 -7.55 -5.37
N TYR A 79 -10.68 -7.20 -6.64
CA TYR A 79 -10.17 -5.89 -6.98
C TYR A 79 -11.23 -4.81 -6.84
N SER A 80 -12.44 -5.13 -7.27
CA SER A 80 -13.50 -4.09 -7.50
C SER A 80 -14.52 -4.00 -6.44
N TRP A 81 -14.54 -4.83 -5.42
CA TRP A 81 -15.66 -4.83 -4.44
C TRP A 81 -15.87 -3.40 -3.88
N MET A 82 -14.85 -2.73 -3.36
CA MET A 82 -15.14 -1.48 -2.64
C MET A 82 -15.57 -0.49 -3.69
N SER A 83 -15.01 -0.49 -4.88
CA SER A 83 -15.43 0.51 -5.93
C SER A 83 -16.95 0.21 -6.24
N LEU A 84 -17.36 -1.02 -6.40
CA LEU A 84 -18.76 -1.34 -6.72
C LEU A 84 -19.63 -0.86 -5.58
N MET A 85 -19.18 -1.04 -4.33
CA MET A 85 -20.07 -0.72 -3.18
C MET A 85 -20.15 0.80 -2.99
N VAL A 86 -19.12 1.52 -3.18
CA VAL A 86 -19.23 3.01 -3.12
C VAL A 86 -19.99 3.52 -4.32
N PHE A 87 -19.97 2.86 -5.47
CA PHE A 87 -20.73 3.37 -6.65
C PHE A 87 -22.22 3.08 -6.34
N GLY A 88 -22.59 1.94 -5.72
CA GLY A 88 -23.98 1.71 -5.39
C GLY A 88 -24.48 2.58 -4.27
N LEU A 89 -23.59 2.93 -3.35
CA LEU A 89 -23.90 3.93 -2.27
C LEU A 89 -24.21 5.24 -3.00
N GLY A 90 -23.47 5.58 -4.04
CA GLY A 90 -23.76 6.87 -4.73
C GLY A 90 -25.11 6.79 -5.41
N TRP A 91 -25.43 5.67 -6.06
CA TRP A 91 -26.73 5.55 -6.68
C TRP A 91 -27.84 5.71 -5.66
N ARG A 92 -27.81 4.96 -4.54
CA ARG A 92 -28.91 5.00 -3.57
C ARG A 92 -29.03 6.43 -3.04
N SER A 93 -27.90 7.09 -2.76
CA SER A 93 -27.96 8.41 -2.18
C SER A 93 -28.57 9.39 -3.21
N TYR A 94 -28.17 9.32 -4.47
CA TYR A 94 -28.76 10.14 -5.55
C TYR A 94 -30.25 9.89 -5.59
N LYS A 95 -30.63 8.63 -5.69
CA LYS A 95 -32.07 8.30 -5.90
C LYS A 95 -32.96 8.58 -4.77
N HIS A 96 -32.58 8.28 -3.52
CA HIS A 96 -33.49 8.39 -2.36
C HIS A 96 -33.46 9.71 -1.63
N VAL A 97 -32.30 10.36 -1.61
CA VAL A 97 -32.16 11.57 -0.79
C VAL A 97 -31.49 12.71 -1.65
N SER A 98 -31.61 12.63 -2.96
CA SER A 98 -31.06 13.63 -3.88
C SER A 98 -29.65 14.01 -3.70
N GLY A 99 -28.88 12.98 -3.22
CA GLY A 99 -27.47 13.10 -2.99
C GLY A 99 -27.08 13.82 -1.70
N GLN A 100 -28.08 14.23 -0.89
CA GLN A 100 -27.76 15.11 0.16
C GLN A 100 -27.59 14.50 1.56
N MET A 101 -27.67 13.15 1.56
CA MET A 101 -27.33 12.34 2.76
C MET A 101 -26.67 11.11 2.07
N LEU A 102 -26.04 10.29 2.89
CA LEU A 102 -25.42 9.03 2.35
C LEU A 102 -26.31 7.89 2.83
N TYR A 103 -26.94 7.25 1.82
CA TYR A 103 -27.93 6.25 1.99
C TYR A 103 -27.22 4.85 1.89
N PHE A 104 -26.61 4.49 2.99
CA PHE A 104 -25.87 3.20 3.01
C PHE A 104 -26.90 2.08 2.97
N ALA A 105 -28.03 2.20 3.72
CA ALA A 105 -29.10 1.18 3.73
C ALA A 105 -30.33 1.91 4.28
N PRO A 106 -31.48 1.34 4.09
CA PRO A 106 -32.70 2.04 4.65
C PRO A 106 -32.62 2.25 6.14
N ASP A 107 -31.93 1.39 6.88
CA ASP A 107 -31.67 1.57 8.29
C ASP A 107 -30.35 2.18 8.68
N LEU A 108 -29.59 2.79 7.76
CA LEU A 108 -28.34 3.39 8.05
C LEU A 108 -28.11 4.47 6.96
N ILE A 109 -28.74 5.63 7.28
CA ILE A 109 -28.68 6.79 6.46
C ILE A 109 -27.96 7.86 7.27
N LEU A 110 -26.86 8.33 6.78
CA LEU A 110 -26.04 9.35 7.54
C LEU A 110 -26.22 10.75 6.98
N ASN A 111 -26.56 11.71 7.88
CA ASN A 111 -26.39 13.15 7.48
C ASN A 111 -25.20 13.69 8.29
N GLU A 112 -24.96 14.99 8.22
CA GLU A 112 -23.77 15.57 8.82
C GLU A 112 -23.77 15.47 10.32
N GLN A 113 -24.91 15.47 11.00
CA GLN A 113 -24.94 15.38 12.45
C GLN A 113 -24.38 14.03 12.87
N ARG A 114 -24.50 13.04 12.00
CA ARG A 114 -24.03 11.69 12.42
C ARG A 114 -22.63 11.49 11.92
N MET A 115 -21.96 12.48 11.40
CA MET A 115 -20.50 12.43 11.09
C MET A 115 -19.58 13.15 12.00
N LYS A 116 -19.27 12.66 13.23
CA LYS A 116 -18.69 13.50 14.23
C LYS A 116 -17.24 13.67 14.40
N GLU A 117 -16.53 12.65 13.98
CA GLU A 117 -15.09 12.53 14.27
C GLU A 117 -14.54 12.98 12.98
N SER A 118 -13.46 13.75 13.00
CA SER A 118 -12.96 14.46 11.83
C SER A 118 -12.60 13.49 10.60
N SER A 119 -11.90 12.41 10.91
CA SER A 119 -11.55 11.47 9.82
C SER A 119 -12.84 10.74 9.25
N PHE A 120 -13.76 10.41 10.11
CA PHE A 120 -15.07 9.87 9.60
C PHE A 120 -15.79 10.86 8.63
N TYR A 121 -15.81 12.18 8.96
CA TYR A 121 -16.49 13.11 8.10
C TYR A 121 -15.70 13.31 6.83
N SER A 122 -14.33 13.31 6.94
CA SER A 122 -13.58 13.44 5.73
C SER A 122 -13.84 12.27 4.75
N LEU A 123 -13.96 11.08 5.28
CA LEU A 123 -14.18 9.92 4.41
C LEU A 123 -15.57 9.99 3.75
N CYS A 124 -16.54 10.45 4.54
CA CYS A 124 -17.86 10.65 3.93
C CYS A 124 -17.84 11.68 2.80
N LEU A 125 -17.06 12.76 2.99
CA LEU A 125 -16.99 13.74 1.94
C LEU A 125 -16.40 13.19 0.69
N THR A 126 -15.40 12.28 0.82
CA THR A 126 -14.86 11.65 -0.36
C THR A 126 -15.93 10.82 -1.12
N MET A 127 -16.65 10.04 -0.33
CA MET A 127 -17.70 9.17 -0.93
C MET A 127 -18.82 10.03 -1.60
N TRP A 128 -19.05 11.16 -0.96
CA TRP A 128 -20.10 12.09 -1.43
C TRP A 128 -19.85 12.62 -2.76
N GLN A 129 -18.62 12.59 -3.24
CA GLN A 129 -18.39 12.96 -4.64
C GLN A 129 -19.16 12.25 -5.70
N ILE A 130 -19.40 10.92 -5.51
CA ILE A 130 -20.05 10.16 -6.54
C ILE A 130 -21.55 10.65 -6.72
N PRO A 131 -22.32 10.66 -5.62
CA PRO A 131 -23.73 11.10 -5.83
C PRO A 131 -23.79 12.60 -6.24
N GLN A 132 -22.84 13.41 -5.84
CA GLN A 132 -22.85 14.78 -6.38
C GLN A 132 -22.65 14.76 -7.82
N GLU A 133 -21.74 13.93 -8.37
CA GLU A 133 -21.63 13.88 -9.86
C GLU A 133 -22.84 13.29 -10.52
N PHE A 134 -23.46 12.26 -9.92
CA PHE A 134 -24.68 11.69 -10.43
C PHE A 134 -25.81 12.78 -10.52
N VAL A 135 -25.83 13.66 -9.52
CA VAL A 135 -26.82 14.75 -9.58
C VAL A 135 -26.42 15.73 -10.66
N LYS A 136 -25.17 16.14 -10.71
CA LYS A 136 -24.79 17.10 -11.74
C LYS A 136 -25.03 16.62 -13.16
N LEU A 137 -24.67 15.34 -13.43
CA LEU A 137 -24.72 14.84 -14.78
C LEU A 137 -26.11 14.26 -15.08
N GLN A 138 -26.91 14.16 -14.03
CA GLN A 138 -28.24 13.52 -14.19
C GLN A 138 -28.13 12.13 -14.79
N VAL A 139 -27.30 11.31 -14.16
CA VAL A 139 -27.08 9.95 -14.67
C VAL A 139 -28.38 9.13 -14.65
N SER A 140 -28.67 8.32 -15.65
CA SER A 140 -29.86 7.57 -15.69
C SER A 140 -29.63 6.12 -15.16
N GLN A 141 -30.70 5.46 -14.75
CA GLN A 141 -30.51 4.05 -14.32
C GLN A 141 -29.81 3.27 -15.41
N GLU A 142 -30.16 3.46 -16.64
CA GLU A 142 -29.54 2.61 -17.74
C GLU A 142 -28.06 2.87 -17.88
N GLU A 143 -27.59 4.14 -17.85
CA GLU A 143 -26.18 4.50 -17.74
C GLU A 143 -25.50 3.87 -16.51
N PHE A 144 -26.12 4.03 -15.32
CA PHE A 144 -25.50 3.56 -14.10
C PHE A 144 -25.29 2.01 -14.23
N LEU A 145 -26.29 1.26 -14.74
CA LEU A 145 -26.14 -0.20 -14.80
C LEU A 145 -24.98 -0.58 -15.68
N CYS A 146 -24.77 0.04 -16.81
CA CYS A 146 -23.63 -0.34 -17.66
C CYS A 146 -22.30 0.12 -17.08
N MET A 147 -22.26 1.32 -16.50
CA MET A 147 -21.08 1.78 -15.76
C MET A 147 -20.63 0.85 -14.67
N LYS A 148 -21.64 0.34 -13.98
CA LYS A 148 -21.25 -0.51 -12.82
C LYS A 148 -20.58 -1.80 -13.31
N VAL A 149 -21.05 -2.37 -14.45
CA VAL A 149 -20.29 -3.52 -15.05
C VAL A 149 -18.86 -3.11 -15.40
N LEU A 150 -18.73 -1.94 -16.04
CA LEU A 150 -17.40 -1.55 -16.47
C LEU A 150 -16.48 -1.32 -15.25
N LEU A 151 -17.07 -0.93 -14.12
CA LEU A 151 -16.22 -0.81 -12.89
C LEU A 151 -15.74 -2.18 -12.35
N LEU A 152 -16.63 -3.21 -12.42
CA LEU A 152 -16.21 -4.58 -12.13
C LEU A 152 -15.04 -4.95 -12.97
N LEU A 153 -15.03 -4.48 -14.19
CA LEU A 153 -14.00 -4.89 -15.21
C LEU A 153 -12.90 -3.86 -15.34
N ASN A 154 -12.63 -3.04 -14.29
CA ASN A 154 -11.78 -1.86 -14.55
C ASN A 154 -10.36 -1.97 -14.02
N THR A 155 -9.95 -3.10 -13.50
CA THR A 155 -8.51 -3.36 -13.03
C THR A 155 -8.21 -4.78 -13.32
N ILE A 156 -7.03 -5.04 -13.83
CA ILE A 156 -6.57 -6.42 -14.05
C ILE A 156 -5.23 -6.63 -13.46
N PRO A 157 -4.80 -7.87 -13.31
CA PRO A 157 -3.41 -8.12 -12.80
C PRO A 157 -2.33 -7.57 -13.79
N LEU A 158 -1.12 -7.27 -13.23
CA LEU A 158 -0.06 -6.85 -14.14
C LEU A 158 0.21 -7.88 -15.28
N GLU A 159 0.12 -9.15 -14.99
CA GLU A 159 0.33 -10.12 -16.09
C GLU A 159 -0.97 -10.39 -16.92
N GLY A 160 -2.08 -9.63 -16.68
CA GLY A 160 -3.32 -9.96 -17.37
C GLY A 160 -4.05 -11.10 -16.67
N LEU A 161 -5.22 -11.38 -17.22
CA LEU A 161 -6.10 -12.44 -16.76
C LEU A 161 -5.83 -13.71 -17.50
N ARG A 162 -6.30 -14.81 -16.91
CA ARG A 162 -6.19 -16.14 -17.61
C ARG A 162 -7.11 -16.05 -18.86
N SER A 163 -8.28 -15.46 -18.75
CA SER A 163 -9.29 -15.37 -19.89
C SER A 163 -9.23 -14.01 -20.43
N GLN A 164 -7.99 -13.50 -20.73
CA GLN A 164 -7.87 -12.12 -21.21
C GLN A 164 -8.69 -11.84 -22.49
N THR A 165 -8.69 -12.79 -23.45
CA THR A 165 -9.50 -12.62 -24.66
C THR A 165 -10.95 -12.41 -24.37
N GLN A 166 -11.52 -13.33 -23.59
CA GLN A 166 -12.95 -13.30 -23.32
C GLN A 166 -13.27 -11.98 -22.52
N PHE A 167 -12.31 -11.64 -21.60
CA PHE A 167 -12.47 -10.44 -20.84
C PHE A 167 -12.61 -9.20 -21.66
N GLU A 168 -11.66 -9.06 -22.60
CA GLU A 168 -11.69 -7.95 -23.55
C GLU A 168 -12.98 -7.90 -24.38
N GLU A 169 -13.46 -9.06 -24.82
CA GLU A 169 -14.74 -9.12 -25.48
C GLU A 169 -15.91 -8.62 -24.59
N MET A 170 -15.88 -9.04 -23.31
CA MET A 170 -16.94 -8.64 -22.40
C MET A 170 -16.89 -7.15 -22.15
N ARG A 171 -15.75 -6.63 -21.84
CA ARG A 171 -15.64 -5.23 -21.60
C ARG A 171 -16.07 -4.43 -22.88
N SER A 172 -15.70 -4.86 -24.11
CA SER A 172 -16.17 -4.11 -25.32
C SER A 172 -17.67 -4.13 -25.44
N SER A 173 -18.29 -5.29 -25.10
CA SER A 173 -19.74 -5.44 -25.15
C SER A 173 -20.42 -4.47 -24.21
N TYR A 174 -19.83 -4.23 -23.02
CA TYR A 174 -20.51 -3.33 -22.12
C TYR A 174 -20.23 -1.88 -22.37
N ILE A 175 -19.08 -1.62 -23.06
CA ILE A 175 -18.91 -0.25 -23.63
C ILE A 175 -19.93 0.01 -24.68
N ARG A 176 -20.18 -0.96 -25.59
CA ARG A 176 -21.24 -0.71 -26.63
C ARG A 176 -22.55 -0.51 -25.98
N GLU A 177 -22.79 -1.26 -24.89
CA GLU A 177 -24.07 -1.14 -24.20
C GLU A 177 -24.29 0.21 -23.51
N LEU A 178 -23.22 0.72 -22.83
CA LEU A 178 -23.24 2.08 -22.33
C LEU A 178 -23.55 3.14 -23.41
N ILE A 179 -22.94 2.99 -24.58
CA ILE A 179 -23.25 3.88 -25.77
C ILE A 179 -24.74 3.78 -26.07
N LYS A 180 -25.31 2.59 -26.02
CA LYS A 180 -26.74 2.49 -26.27
C LYS A 180 -27.53 3.21 -25.13
N ALA A 181 -27.06 3.06 -23.86
CA ALA A 181 -27.75 3.70 -22.75
C ALA A 181 -27.78 5.21 -22.93
N ILE A 182 -26.63 5.76 -23.32
CA ILE A 182 -26.48 7.23 -23.52
C ILE A 182 -27.46 7.63 -24.70
N GLY A 183 -27.47 6.79 -25.71
CA GLY A 183 -28.33 7.09 -26.87
C GLY A 183 -29.81 7.17 -26.60
N LEU A 184 -30.26 6.64 -25.48
CA LEU A 184 -31.69 6.61 -25.13
C LEU A 184 -32.23 8.02 -24.92
N ARG A 185 -31.33 8.94 -24.56
CA ARG A 185 -31.62 10.28 -24.05
C ARG A 185 -30.79 11.37 -24.75
N GLN A 186 -29.49 11.12 -24.88
CA GLN A 186 -28.58 12.01 -25.64
C GLN A 186 -28.65 11.66 -27.12
N LYS A 187 -29.52 12.41 -27.81
CA LYS A 187 -29.85 12.17 -29.20
C LYS A 187 -28.76 12.71 -30.22
N GLY A 188 -28.16 13.87 -29.96
CA GLY A 188 -27.10 14.33 -30.87
C GLY A 188 -25.84 13.46 -31.00
N VAL A 189 -25.15 13.54 -32.15
CA VAL A 189 -23.78 13.00 -32.30
C VAL A 189 -22.76 13.71 -31.34
N VAL A 190 -22.83 15.05 -31.28
CA VAL A 190 -21.89 15.83 -30.47
C VAL A 190 -22.24 15.59 -28.99
N SER A 191 -23.52 15.70 -28.66
CA SER A 191 -23.93 15.59 -27.28
C SER A 191 -23.68 14.12 -26.77
N SER A 192 -23.91 13.11 -27.58
CA SER A 192 -23.74 11.77 -27.01
C SER A 192 -22.27 11.37 -26.93
N SER A 193 -21.44 11.82 -27.87
CA SER A 193 -19.97 11.81 -27.67
C SER A 193 -19.44 12.51 -26.44
N GLN A 194 -19.85 13.74 -26.19
CA GLN A 194 -19.41 14.42 -25.04
C GLN A 194 -19.94 13.62 -23.78
N ARG A 195 -21.12 12.99 -23.88
CA ARG A 195 -21.72 12.34 -22.67
C ARG A 195 -20.84 11.11 -22.43
N PHE A 196 -20.44 10.46 -23.48
CA PHE A 196 -19.58 9.24 -23.30
C PHE A 196 -18.27 9.66 -22.59
N TYR A 197 -17.71 10.79 -23.04
CA TYR A 197 -16.54 11.31 -22.40
C TYR A 197 -16.79 11.58 -20.92
N GLN A 198 -17.91 12.24 -20.60
CA GLN A 198 -18.13 12.59 -19.20
C GLN A 198 -18.24 11.31 -18.32
N LEU A 199 -18.98 10.31 -18.83
CA LEU A 199 -19.22 9.12 -17.99
C LEU A 199 -18.00 8.31 -17.83
N THR A 200 -17.23 8.19 -18.92
CA THR A 200 -16.01 7.39 -18.86
C THR A 200 -14.98 8.10 -18.04
N LYS A 201 -14.91 9.44 -18.06
CA LYS A 201 -13.92 10.09 -17.22
C LYS A 201 -14.35 9.98 -15.73
N LEU A 202 -15.67 9.93 -15.47
CA LEU A 202 -16.09 9.69 -14.08
C LEU A 202 -15.51 8.30 -13.63
N LEU A 203 -15.63 7.31 -14.47
CA LEU A 203 -15.09 5.98 -14.08
C LEU A 203 -13.57 6.02 -13.91
N ASP A 204 -12.80 6.69 -14.82
CA ASP A 204 -11.40 6.82 -14.59
C ASP A 204 -11.05 7.50 -13.26
N ASN A 205 -11.80 8.53 -12.92
CA ASN A 205 -11.57 9.26 -11.67
C ASN A 205 -11.87 8.44 -10.42
N LEU A 206 -12.68 7.39 -10.56
CA LEU A 206 -12.96 6.57 -9.38
C LEU A 206 -11.74 5.84 -8.90
N HIS A 207 -10.75 5.61 -9.79
CA HIS A 207 -9.56 4.90 -9.25
C HIS A 207 -8.87 5.73 -8.18
N ASP A 208 -8.79 7.08 -8.41
CA ASP A 208 -8.11 7.91 -7.43
C ASP A 208 -8.95 8.08 -6.16
N LEU A 209 -10.31 8.17 -6.35
CA LEU A 209 -11.19 8.23 -5.13
C LEU A 209 -11.08 7.03 -4.23
N VAL A 210 -11.07 5.85 -4.87
CA VAL A 210 -11.14 4.61 -4.09
C VAL A 210 -9.78 4.35 -3.43
N LYS A 211 -8.71 4.90 -3.98
CA LYS A 211 -7.38 4.71 -3.28
C LYS A 211 -7.39 5.26 -1.83
N GLN A 212 -8.00 6.39 -1.53
CA GLN A 212 -8.07 6.89 -0.24
C GLN A 212 -8.89 5.97 0.71
N LEU A 213 -9.97 5.32 0.15
CA LEU A 213 -10.85 4.52 1.02
C LEU A 213 -10.12 3.13 1.29
N HIS A 214 -9.40 2.70 0.26
CA HIS A 214 -8.62 1.44 0.42
C HIS A 214 -7.57 1.63 1.47
N LEU A 215 -6.90 2.77 1.50
CA LEU A 215 -5.81 2.97 2.49
C LEU A 215 -6.40 3.02 3.90
N TYR A 216 -7.52 3.87 4.05
CA TYR A 216 -8.11 3.88 5.39
C TYR A 216 -8.62 2.55 5.87
N CYS A 217 -9.26 1.79 4.93
CA CYS A 217 -9.69 0.46 5.27
C CYS A 217 -8.58 -0.46 5.76
N LEU A 218 -7.48 -0.44 5.04
CA LEU A 218 -6.40 -1.43 5.38
C LEU A 218 -5.72 -0.93 6.69
N ASN A 219 -5.49 0.38 6.82
CA ASN A 219 -4.93 0.89 8.09
C ASN A 219 -5.81 0.49 9.27
N THR A 220 -7.16 0.60 9.21
CA THR A 220 -8.08 0.25 10.34
C THR A 220 -7.95 -1.26 10.49
N PHE A 221 -7.99 -2.02 9.35
CA PHE A 221 -8.00 -3.49 9.47
C PHE A 221 -6.82 -4.10 10.23
N ILE A 222 -5.65 -3.49 10.02
CA ILE A 222 -4.47 -4.08 10.73
C ILE A 222 -4.31 -3.64 12.16
N GLN A 223 -5.22 -2.86 12.67
CA GLN A 223 -5.27 -2.70 14.11
C GLN A 223 -6.75 -2.81 14.55
N SER A 224 -7.52 -3.71 13.93
CA SER A 224 -8.97 -3.66 14.14
C SER A 224 -9.33 -3.93 15.68
N ARG A 225 -8.65 -4.92 16.33
CA ARG A 225 -8.89 -5.26 17.76
C ARG A 225 -8.75 -4.08 18.64
N ALA A 226 -7.62 -3.38 18.52
CA ALA A 226 -7.35 -2.20 19.37
C ALA A 226 -8.33 -1.09 19.13
N LEU A 227 -8.94 -1.09 17.93
CA LEU A 227 -9.78 0.01 17.51
C LEU A 227 -11.26 -0.30 17.85
N SER A 228 -11.48 -1.57 18.25
CA SER A 228 -12.79 -2.07 18.58
C SER A 228 -13.65 -2.04 17.28
N VAL A 229 -12.98 -2.25 16.13
CA VAL A 229 -13.72 -2.19 14.83
C VAL A 229 -13.71 -3.62 14.29
N GLU A 230 -14.89 -4.22 14.18
CA GLU A 230 -15.03 -5.58 13.67
C GLU A 230 -15.10 -5.59 12.14
N PHE A 231 -14.30 -6.47 11.48
CA PHE A 231 -14.45 -6.76 10.07
C PHE A 231 -14.89 -8.17 9.93
N PRO A 232 -16.03 -8.46 9.33
CA PRO A 232 -16.55 -9.82 9.17
C PRO A 232 -15.69 -10.67 8.34
N GLU A 233 -16.02 -11.99 8.32
CA GLU A 233 -15.12 -12.94 7.69
C GLU A 233 -14.86 -12.85 6.22
N MET A 234 -15.93 -12.64 5.38
CA MET A 234 -15.73 -12.63 3.92
C MET A 234 -15.03 -11.34 3.58
N MET A 235 -15.41 -10.22 4.23
CA MET A 235 -14.72 -8.95 3.92
C MET A 235 -13.25 -9.05 4.37
N SER A 236 -13.01 -9.67 5.51
CA SER A 236 -11.61 -9.77 5.95
C SER A 236 -10.78 -10.52 4.91
N GLU A 237 -11.37 -11.55 4.30
CA GLU A 237 -10.65 -12.32 3.28
C GLU A 237 -10.32 -11.49 2.07
N VAL A 238 -11.23 -10.69 1.53
CA VAL A 238 -10.93 -9.92 0.29
C VAL A 238 -9.90 -8.87 0.66
N ILE A 239 -9.95 -8.28 1.86
CA ILE A 239 -8.97 -7.29 2.30
C ILE A 239 -7.58 -7.98 2.33
N ALA A 240 -7.51 -9.07 3.05
CA ALA A 240 -6.19 -9.74 3.22
C ALA A 240 -5.67 -10.26 1.89
N ALA A 241 -6.51 -10.65 0.98
CA ALA A 241 -6.04 -11.25 -0.25
C ALA A 241 -5.44 -10.28 -1.22
N GLN A 242 -5.93 -9.07 -1.32
CA GLN A 242 -5.53 -8.20 -2.32
C GLN A 242 -5.17 -6.77 -1.96
N LEU A 243 -5.75 -6.28 -0.84
CA LEU A 243 -5.64 -4.84 -0.57
C LEU A 243 -4.14 -4.32 -0.55
N PRO A 244 -3.26 -5.05 0.14
CA PRO A 244 -1.90 -4.53 0.23
C PRO A 244 -1.29 -4.52 -1.19
N LYS A 245 -1.60 -5.55 -1.99
CA LYS A 245 -1.03 -5.53 -3.35
C LYS A 245 -1.59 -4.41 -4.27
N ILE A 246 -2.93 -4.15 -4.15
CA ILE A 246 -3.54 -3.08 -4.85
C ILE A 246 -2.93 -1.71 -4.44
N LEU A 247 -2.90 -1.50 -3.10
CA LEU A 247 -2.29 -0.21 -2.62
C LEU A 247 -0.86 0.02 -3.10
N ALA A 248 -0.09 -1.06 -3.17
CA ALA A 248 1.27 -1.01 -3.64
C ALA A 248 1.43 -0.76 -5.12
N GLY A 249 0.25 -0.79 -5.81
CA GLY A 249 0.38 -0.44 -7.19
C GLY A 249 0.67 -1.68 -8.06
N MET A 250 0.49 -2.92 -7.56
CA MET A 250 0.95 -4.05 -8.23
C MET A 250 -0.29 -4.67 -8.98
N VAL A 251 -1.05 -3.81 -9.66
CA VAL A 251 -2.23 -4.14 -10.50
C VAL A 251 -2.25 -3.14 -11.58
N LYS A 252 -2.97 -3.48 -12.67
CA LYS A 252 -3.13 -2.60 -13.81
C LYS A 252 -4.53 -1.95 -13.85
N PRO A 253 -4.69 -0.73 -13.37
CA PRO A 253 -5.96 -0.04 -13.55
C PRO A 253 -6.20 0.33 -15.01
N LEU A 254 -7.42 0.09 -15.52
CA LEU A 254 -7.70 0.39 -16.91
C LEU A 254 -8.25 1.80 -16.96
N LEU A 255 -7.91 2.55 -18.02
CA LEU A 255 -8.38 3.94 -18.09
C LEU A 255 -8.95 4.16 -19.47
N PHE A 256 -10.00 4.99 -19.59
CA PHE A 256 -10.54 5.28 -20.94
C PHE A 256 -9.79 6.42 -21.57
N HIS A 257 -9.20 7.25 -20.73
CA HIS A 257 -8.50 8.50 -21.14
C HIS A 257 -7.11 8.52 -20.62
N LYS A 258 -6.17 8.83 -21.52
CA LYS A 258 -4.74 9.09 -21.23
C LYS A 258 -4.36 9.28 -19.74
N LEU B 9 43.25 11.70 9.76
CA LEU B 9 42.77 12.20 8.41
C LEU B 9 41.24 11.90 8.16
N ILE B 10 40.63 11.03 8.98
CA ILE B 10 39.11 10.93 9.00
C ILE B 10 38.43 12.13 9.61
N PRO B 11 37.50 12.82 8.90
CA PRO B 11 36.75 13.97 9.40
C PRO B 11 36.04 13.62 10.76
N PRO B 12 35.94 14.59 11.64
CA PRO B 12 35.42 14.31 12.95
C PRO B 12 34.00 13.75 12.94
N LEU B 13 33.11 14.24 12.14
CA LEU B 13 31.73 13.72 12.20
C LEU B 13 31.76 12.23 11.83
N ILE B 14 32.62 11.78 10.88
CA ILE B 14 32.62 10.37 10.55
C ILE B 14 33.19 9.54 11.72
N ASN B 15 34.23 10.08 12.38
CA ASN B 15 34.75 9.37 13.49
C ASN B 15 33.66 9.21 14.59
N LEU B 16 32.93 10.26 14.76
CA LEU B 16 31.77 10.21 15.72
C LEU B 16 30.81 9.09 15.26
N LEU B 17 30.42 9.13 13.99
CA LEU B 17 29.46 8.06 13.56
C LEU B 17 30.04 6.71 13.85
N MET B 18 31.35 6.50 13.68
CA MET B 18 31.87 5.17 13.95
C MET B 18 31.72 4.81 15.43
N SER B 19 31.92 5.83 16.26
CA SER B 19 31.91 5.67 17.71
C SER B 19 30.55 5.30 18.19
N ILE B 20 29.47 5.74 17.50
CA ILE B 20 28.10 5.48 18.02
C ILE B 20 27.42 4.35 17.28
N GLU B 21 28.15 3.67 16.36
CA GLU B 21 27.55 2.63 15.60
C GLU B 21 27.06 1.46 16.54
N PRO B 22 25.83 0.98 16.44
CA PRO B 22 25.38 -0.19 17.33
C PRO B 22 26.37 -1.31 17.28
N ASP B 23 26.44 -1.94 18.45
CA ASP B 23 27.21 -3.13 18.51
C ASP B 23 26.55 -4.33 17.79
N VAL B 24 27.29 -5.41 17.48
CA VAL B 24 26.61 -6.62 16.83
C VAL B 24 25.69 -7.25 17.89
N ILE B 25 24.53 -7.60 17.38
CA ILE B 25 23.42 -8.10 18.14
C ILE B 25 23.19 -9.58 17.73
N TYR B 26 23.02 -10.44 18.74
CA TYR B 26 22.80 -11.88 18.58
C TYR B 26 21.33 -12.16 18.41
N ALA B 27 20.99 -13.23 17.67
CA ALA B 27 19.57 -13.51 17.57
C ALA B 27 19.16 -14.43 18.80
N GLY B 28 20.09 -15.22 19.33
CA GLY B 28 19.85 -16.26 20.34
C GLY B 28 19.13 -17.46 19.70
N HIS B 29 19.28 -17.59 18.38
CA HIS B 29 18.60 -18.53 17.58
C HIS B 29 19.06 -19.96 17.90
N ASP B 30 18.13 -20.90 17.88
CA ASP B 30 18.54 -22.27 18.18
C ASP B 30 18.87 -23.01 16.90
N ASN B 31 20.16 -23.10 16.59
CA ASN B 31 20.56 -23.79 15.40
C ASN B 31 20.68 -25.33 15.65
N THR B 32 20.21 -25.85 16.79
CA THR B 32 20.01 -27.35 16.95
C THR B 32 18.86 -27.77 15.99
N LYS B 33 17.81 -26.98 15.90
CA LYS B 33 16.52 -27.42 15.33
C LYS B 33 16.56 -27.09 13.86
N PRO B 34 16.04 -27.96 12.97
CA PRO B 34 15.94 -27.60 11.53
C PRO B 34 15.07 -26.34 11.31
N ASP B 35 15.42 -25.57 10.26
CA ASP B 35 14.64 -24.36 9.90
C ASP B 35 13.25 -24.80 9.59
N THR B 36 12.32 -24.03 10.11
CA THR B 36 10.92 -24.09 9.78
C THR B 36 10.52 -22.69 9.27
N SER B 37 9.60 -22.61 8.32
CA SER B 37 9.23 -21.27 7.81
C SER B 37 8.78 -20.36 9.03
N SER B 38 7.89 -20.85 9.92
CA SER B 38 7.54 -20.00 11.07
C SER B 38 8.64 -19.73 12.03
N SER B 39 9.51 -20.73 12.34
CA SER B 39 10.49 -20.38 13.33
C SER B 39 11.55 -19.40 12.75
N LEU B 40 11.88 -19.58 11.45
CA LEU B 40 12.93 -18.70 10.88
C LEU B 40 12.39 -17.22 10.85
N LEU B 41 11.13 -17.04 10.46
CA LEU B 41 10.66 -15.65 10.38
C LEU B 41 10.47 -15.10 11.84
N THR B 42 9.98 -15.92 12.78
CA THR B 42 9.88 -15.39 14.15
C THR B 42 11.23 -15.00 14.76
N SER B 43 12.34 -15.81 14.44
CA SER B 43 13.60 -15.48 14.96
C SER B 43 14.15 -14.18 14.26
N LEU B 44 13.91 -14.04 13.00
CA LEU B 44 14.27 -12.82 12.26
C LEU B 44 13.58 -11.59 12.80
N ASN B 45 12.32 -11.74 13.17
CA ASN B 45 11.65 -10.54 13.72
C ASN B 45 12.00 -10.25 15.17
N GLN B 46 12.32 -11.31 15.98
CA GLN B 46 12.87 -11.00 17.28
C GLN B 46 14.21 -10.26 17.18
N LEU B 47 15.05 -10.70 16.25
CA LEU B 47 16.31 -10.00 16.04
C LEU B 47 16.01 -8.60 15.53
N GLY B 48 15.09 -8.44 14.60
CA GLY B 48 14.73 -7.11 14.12
C GLY B 48 14.27 -6.19 15.27
N GLU B 49 13.45 -6.71 16.21
CA GLU B 49 13.08 -5.85 17.31
C GLU B 49 14.31 -5.37 18.10
N ARG B 50 15.30 -6.25 18.34
CA ARG B 50 16.46 -5.83 19.06
C ARG B 50 17.25 -4.82 18.19
N GLN B 51 17.34 -5.07 16.90
CA GLN B 51 18.05 -4.05 16.06
C GLN B 51 17.29 -2.71 16.07
N LEU B 52 15.94 -2.72 16.00
CA LEU B 52 15.12 -1.49 16.09
C LEU B 52 15.35 -0.73 17.41
N LEU B 53 15.39 -1.42 18.55
CA LEU B 53 15.74 -0.74 19.76
C LEU B 53 17.08 -0.02 19.67
N SER B 54 18.05 -0.72 19.04
CA SER B 54 19.37 -0.14 18.89
C SER B 54 19.39 1.07 17.94
N VAL B 55 18.60 1.01 16.89
CA VAL B 55 18.48 2.18 15.96
C VAL B 55 17.89 3.37 16.75
N VAL B 56 16.90 3.11 17.56
CA VAL B 56 16.36 4.24 18.37
C VAL B 56 17.48 4.87 19.24
N LYS B 57 18.20 4.03 19.97
CA LYS B 57 19.28 4.57 20.75
C LYS B 57 20.35 5.33 19.93
N TRP B 58 20.76 4.71 18.81
CA TRP B 58 21.67 5.38 17.91
C TRP B 58 21.16 6.76 17.53
N SER B 59 19.88 6.85 17.22
CA SER B 59 19.33 8.13 16.69
C SER B 59 19.43 9.20 17.83
N LYS B 60 19.34 8.75 19.11
CA LYS B 60 19.48 9.77 20.21
C LYS B 60 20.92 10.35 20.27
N SER B 61 21.91 9.58 19.70
CA SER B 61 23.28 9.98 19.70
C SER B 61 23.76 10.65 18.40
N LEU B 62 22.90 10.54 17.37
CA LEU B 62 23.32 11.02 16.01
C LEU B 62 23.24 12.52 15.92
N PRO B 63 24.33 13.18 15.61
CA PRO B 63 24.26 14.64 15.63
C PRO B 63 23.24 15.26 14.71
N GLY B 64 22.45 16.12 15.33
CA GLY B 64 21.32 16.83 14.67
C GLY B 64 19.96 16.21 14.93
N PHE B 65 19.88 14.93 15.07
CA PHE B 65 18.55 14.28 15.03
C PHE B 65 17.65 14.67 16.24
N ARG B 66 18.33 14.77 17.43
CA ARG B 66 17.53 15.12 18.64
C ARG B 66 17.01 16.52 18.57
N ASN B 67 17.42 17.36 17.65
CA ASN B 67 16.88 18.75 17.58
C ASN B 67 15.74 18.89 16.61
N LEU B 68 15.38 17.82 15.87
CA LEU B 68 14.09 17.88 15.21
C LEU B 68 12.98 17.62 16.24
N HIS B 69 11.77 18.05 15.82
CA HIS B 69 10.58 17.79 16.69
C HIS B 69 10.49 16.28 17.00
N ILE B 70 10.08 15.93 18.21
CA ILE B 70 9.99 14.51 18.57
C ILE B 70 9.03 13.79 17.60
N ASP B 71 7.94 14.40 17.10
CA ASP B 71 7.06 13.67 16.21
C ASP B 71 7.81 13.40 14.86
N ASP B 72 8.66 14.35 14.46
CA ASP B 72 9.52 14.11 13.25
C ASP B 72 10.45 12.92 13.48
N GLN B 73 11.11 12.87 14.65
CA GLN B 73 12.03 11.78 14.90
C GLN B 73 11.25 10.50 14.82
N ILE B 74 10.07 10.41 15.44
CA ILE B 74 9.32 9.17 15.41
C ILE B 74 8.96 8.82 13.95
N THR B 75 8.46 9.79 13.19
CA THR B 75 8.04 9.50 11.82
C THR B 75 9.25 8.96 11.00
N LEU B 76 10.40 9.62 11.14
CA LEU B 76 11.57 9.20 10.27
C LEU B 76 12.04 7.82 10.62
N ILE B 77 11.99 7.41 11.91
CA ILE B 77 12.30 6.02 12.22
C ILE B 77 11.22 5.08 11.68
N GLN B 78 9.95 5.46 11.80
CA GLN B 78 8.89 4.59 11.23
C GLN B 78 8.99 4.45 9.71
N TYR B 79 9.50 5.46 8.99
CA TYR B 79 9.61 5.36 7.56
C TYR B 79 10.84 4.59 7.17
N SER B 80 11.91 4.64 7.98
CA SER B 80 13.23 4.15 7.44
C SER B 80 13.68 2.89 8.06
N TRP B 81 13.00 2.30 9.05
CA TRP B 81 13.58 1.13 9.71
C TRP B 81 13.99 0.00 8.77
N MET B 82 13.14 -0.29 7.82
CA MET B 82 13.46 -1.51 7.00
C MET B 82 14.69 -1.22 6.23
N SER B 83 14.76 -0.03 5.66
CA SER B 83 15.94 0.39 4.84
C SER B 83 17.20 0.32 5.69
N LEU B 84 17.15 0.89 6.94
CA LEU B 84 18.34 0.85 7.78
C LEU B 84 18.75 -0.57 8.08
N MET B 85 17.76 -1.45 8.33
CA MET B 85 18.12 -2.79 8.81
C MET B 85 18.60 -3.63 7.61
N VAL B 86 18.06 -3.45 6.43
CA VAL B 86 18.60 -4.19 5.29
C VAL B 86 19.98 -3.69 4.94
N PHE B 87 20.20 -2.38 5.07
CA PHE B 87 21.49 -1.85 4.70
C PHE B 87 22.52 -2.37 5.67
N GLY B 88 22.22 -2.45 6.99
CA GLY B 88 23.10 -2.98 8.04
C GLY B 88 23.33 -4.47 7.80
N LEU B 89 22.32 -5.24 7.41
CA LEU B 89 22.55 -6.66 7.03
C LEU B 89 23.58 -6.76 5.89
N GLY B 90 23.42 -5.86 4.95
CA GLY B 90 24.34 -5.86 3.74
C GLY B 90 25.76 -5.59 4.26
N TRP B 91 25.94 -4.59 5.15
CA TRP B 91 27.29 -4.31 5.61
C TRP B 91 27.85 -5.46 6.40
N ARG B 92 27.11 -6.04 7.35
CA ARG B 92 27.74 -7.16 8.04
C ARG B 92 28.10 -8.35 7.11
N SER B 93 27.20 -8.57 6.13
CA SER B 93 27.48 -9.71 5.25
C SER B 93 28.76 -9.39 4.51
N TYR B 94 28.93 -8.18 4.00
CA TYR B 94 30.17 -7.80 3.28
C TYR B 94 31.38 -7.89 4.11
N LYS B 95 31.31 -7.39 5.36
CA LYS B 95 32.47 -7.32 6.29
C LYS B 95 32.86 -8.65 6.87
N HIS B 96 31.91 -9.51 7.22
CA HIS B 96 32.25 -10.67 8.03
C HIS B 96 32.39 -11.95 7.20
N VAL B 97 31.61 -12.05 6.13
CA VAL B 97 31.58 -13.27 5.29
C VAL B 97 31.78 -12.96 3.78
N SER B 98 32.56 -11.87 3.50
CA SER B 98 32.92 -11.53 2.10
C SER B 98 31.77 -11.33 1.20
N GLY B 99 30.60 -10.97 1.78
CA GLY B 99 29.38 -10.75 1.04
C GLY B 99 28.70 -12.05 0.56
N GLN B 100 29.19 -13.24 0.96
CA GLN B 100 28.75 -14.43 0.22
C GLN B 100 27.83 -15.32 1.09
N MET B 101 27.39 -14.75 2.22
CA MET B 101 26.34 -15.35 3.01
C MET B 101 25.50 -14.15 3.60
N LEU B 102 24.26 -14.40 4.02
CA LEU B 102 23.49 -13.31 4.69
C LEU B 102 23.72 -13.41 6.21
N TYR B 103 24.43 -12.42 6.78
CA TYR B 103 24.87 -12.42 8.09
C TYR B 103 23.87 -11.60 8.89
N PHE B 104 22.74 -12.30 9.16
CA PHE B 104 21.70 -11.56 10.02
C PHE B 104 22.27 -11.26 11.38
N ALA B 105 22.99 -12.27 11.98
CA ALA B 105 23.64 -12.11 13.24
C ALA B 105 24.74 -13.19 13.29
N PRO B 106 25.60 -13.08 14.31
CA PRO B 106 26.71 -14.07 14.33
C PRO B 106 26.19 -15.47 14.51
N ASP B 107 25.02 -15.63 15.17
CA ASP B 107 24.38 -16.92 15.32
C ASP B 107 23.26 -17.12 14.39
N LEU B 108 23.09 -16.32 13.30
CA LEU B 108 22.02 -16.53 12.36
C LEU B 108 22.58 -16.09 11.00
N ILE B 109 23.23 -17.09 10.42
CA ILE B 109 24.00 -16.81 9.10
C ILE B 109 23.39 -17.76 8.06
N LEU B 110 22.93 -17.30 6.92
CA LEU B 110 22.32 -18.15 5.92
C LEU B 110 23.37 -18.13 4.74
N ASN B 111 24.07 -19.27 4.56
CA ASN B 111 24.65 -19.46 3.22
C ASN B 111 23.74 -19.83 2.20
N GLU B 112 24.18 -19.88 0.92
CA GLU B 112 23.20 -20.00 -0.19
C GLU B 112 22.41 -21.31 -0.05
N GLN B 113 23.09 -22.41 0.34
CA GLN B 113 22.33 -23.65 0.41
C GLN B 113 21.21 -23.48 1.44
N ARG B 114 21.48 -22.79 2.59
CA ARG B 114 20.40 -22.65 3.61
C ARG B 114 19.36 -21.71 3.04
N MET B 115 19.73 -20.71 2.24
CA MET B 115 18.69 -19.86 1.61
C MET B 115 17.79 -20.75 0.75
N LYS B 116 18.42 -21.64 -0.04
CA LYS B 116 17.68 -22.47 -1.02
C LYS B 116 16.76 -23.45 -0.32
N GLU B 117 17.13 -23.89 0.86
CA GLU B 117 16.35 -24.86 1.61
C GLU B 117 15.23 -24.20 2.37
N SER B 118 15.16 -22.88 2.41
CA SER B 118 14.33 -22.12 3.46
C SER B 118 12.82 -21.84 3.35
N SER B 119 12.35 -21.91 2.11
CA SER B 119 11.05 -21.52 1.56
C SER B 119 11.07 -20.02 1.12
N PHE B 120 12.24 -19.35 1.33
CA PHE B 120 12.30 -17.91 1.09
C PHE B 120 13.46 -17.60 0.19
N TYR B 121 13.82 -18.55 -0.70
CA TYR B 121 15.04 -18.25 -1.50
C TYR B 121 14.96 -16.98 -2.30
N SER B 122 13.83 -16.71 -2.93
CA SER B 122 13.72 -15.43 -3.69
C SER B 122 13.96 -14.13 -2.87
N LEU B 123 13.33 -14.07 -1.67
CA LEU B 123 13.54 -12.93 -0.77
C LEU B 123 14.98 -12.85 -0.38
N CYS B 124 15.62 -14.00 -0.09
CA CYS B 124 17.05 -14.00 0.30
C CYS B 124 17.85 -13.49 -0.89
N LEU B 125 17.57 -13.94 -2.13
CA LEU B 125 18.30 -13.36 -3.27
C LEU B 125 18.11 -11.89 -3.43
N THR B 126 16.92 -11.34 -3.16
CA THR B 126 16.73 -9.96 -3.28
C THR B 126 17.57 -9.18 -2.19
N MET B 127 17.61 -9.66 -0.94
CA MET B 127 18.37 -8.96 0.02
C MET B 127 19.94 -9.13 -0.27
N TRP B 128 20.30 -10.30 -0.79
CA TRP B 128 21.74 -10.58 -0.98
C TRP B 128 22.23 -9.68 -2.10
N GLN B 129 21.38 -8.96 -2.83
CA GLN B 129 21.88 -8.03 -3.84
C GLN B 129 22.72 -6.94 -3.21
N ILE B 130 22.38 -6.53 -1.97
CA ILE B 130 23.02 -5.35 -1.43
C ILE B 130 24.47 -5.64 -1.08
N PRO B 131 24.80 -6.68 -0.32
CA PRO B 131 26.23 -6.94 -0.11
C PRO B 131 26.98 -7.21 -1.43
N GLN B 132 26.35 -7.84 -2.40
CA GLN B 132 27.08 -8.06 -3.67
C GLN B 132 27.43 -6.71 -4.30
N GLU B 133 26.54 -5.68 -4.17
CA GLU B 133 26.90 -4.36 -4.63
C GLU B 133 27.96 -3.68 -3.81
N PHE B 134 28.04 -3.95 -2.49
CA PHE B 134 29.08 -3.42 -1.67
C PHE B 134 30.44 -4.04 -2.12
N VAL B 135 30.45 -5.35 -2.39
CA VAL B 135 31.66 -6.01 -2.94
C VAL B 135 32.02 -5.34 -4.27
N LYS B 136 31.06 -5.11 -5.16
CA LYS B 136 31.44 -4.55 -6.48
C LYS B 136 32.00 -3.15 -6.37
N LEU B 137 31.43 -2.31 -5.50
CA LEU B 137 31.90 -0.99 -5.35
C LEU B 137 33.05 -0.76 -4.38
N GLN B 138 33.39 -1.81 -3.63
CA GLN B 138 34.31 -1.67 -2.51
C GLN B 138 33.94 -0.44 -1.67
N VAL B 139 32.69 -0.46 -1.15
CA VAL B 139 32.22 0.60 -0.27
C VAL B 139 33.08 0.62 1.00
N SER B 140 33.50 1.85 1.37
CA SER B 140 34.29 1.96 2.57
C SER B 140 33.45 2.15 3.84
N GLN B 141 34.07 1.90 5.00
CA GLN B 141 33.26 2.15 6.23
C GLN B 141 32.81 3.62 6.36
N GLU B 142 33.66 4.59 5.91
CA GLU B 142 33.28 5.97 6.04
C GLU B 142 32.12 6.28 5.11
N GLU B 143 32.11 5.74 3.88
CA GLU B 143 30.94 5.93 2.97
C GLU B 143 29.70 5.25 3.56
N PHE B 144 29.83 4.05 4.05
CA PHE B 144 28.64 3.40 4.60
C PHE B 144 28.08 4.17 5.74
N LEU B 145 28.89 4.71 6.64
CA LEU B 145 28.26 5.38 7.84
C LEU B 145 27.47 6.62 7.40
N CYS B 146 28.00 7.38 6.43
CA CYS B 146 27.25 8.54 5.98
C CYS B 146 26.03 8.12 5.19
N MET B 147 26.12 7.10 4.31
CA MET B 147 24.98 6.65 3.54
C MET B 147 23.86 6.18 4.54
N LYS B 148 24.24 5.50 5.58
CA LYS B 148 23.16 5.07 6.48
C LYS B 148 22.41 6.18 7.16
N VAL B 149 23.09 7.28 7.57
CA VAL B 149 22.34 8.43 8.03
C VAL B 149 21.41 8.97 6.97
N LEU B 150 21.85 9.01 5.68
CA LEU B 150 20.94 9.56 4.64
C LEU B 150 19.76 8.65 4.47
N LEU B 151 19.83 7.31 4.75
CA LEU B 151 18.63 6.40 4.64
C LEU B 151 17.65 6.81 5.76
N LEU B 152 18.18 7.16 6.99
CA LEU B 152 17.19 7.68 7.96
C LEU B 152 16.38 8.87 7.52
N LEU B 153 17.10 9.71 6.73
CA LEU B 153 16.52 11.00 6.30
C LEU B 153 16.04 10.92 4.83
N ASN B 154 15.63 9.76 4.30
CA ASN B 154 15.42 9.59 2.81
C ASN B 154 13.97 9.55 2.43
N THR B 155 13.03 9.80 3.34
CA THR B 155 11.59 9.91 3.01
C THR B 155 10.98 10.86 4.06
N ILE B 156 10.10 11.77 3.58
CA ILE B 156 9.37 12.69 4.51
C ILE B 156 7.89 12.57 4.17
N PRO B 157 7.04 13.13 5.04
CA PRO B 157 5.60 13.09 4.77
C PRO B 157 5.30 14.09 3.59
N LEU B 158 4.15 13.80 2.99
CA LEU B 158 3.74 14.66 1.88
C LEU B 158 3.63 16.11 2.31
N GLU B 159 3.24 16.35 3.55
CA GLU B 159 3.11 17.73 4.07
C GLU B 159 4.42 18.28 4.63
N GLY B 160 5.52 17.52 4.54
CA GLY B 160 6.80 17.87 5.17
C GLY B 160 6.70 17.58 6.68
N LEU B 161 7.81 17.93 7.26
CA LEU B 161 8.09 17.73 8.67
C LEU B 161 7.73 18.99 9.52
N ARG B 162 7.48 18.80 10.80
CA ARG B 162 7.34 20.01 11.69
C ARG B 162 8.58 20.84 11.66
N SER B 163 9.75 20.16 11.68
CA SER B 163 11.09 20.82 11.75
C SER B 163 11.72 20.73 10.41
N GLN B 164 10.98 21.11 9.34
CA GLN B 164 11.48 20.94 7.98
C GLN B 164 12.78 21.69 7.72
N THR B 165 12.91 22.91 8.25
CA THR B 165 14.15 23.68 7.99
C THR B 165 15.33 23.00 8.64
N GLN B 166 15.20 22.60 9.89
CA GLN B 166 16.30 21.84 10.56
C GLN B 166 16.60 20.50 9.87
N PHE B 167 15.54 19.84 9.41
CA PHE B 167 15.76 18.60 8.66
C PHE B 167 16.61 18.84 7.43
N GLU B 168 16.23 19.89 6.66
CA GLU B 168 17.03 20.05 5.44
C GLU B 168 18.49 20.36 5.72
N GLU B 169 18.74 21.20 6.71
CA GLU B 169 20.10 21.51 7.17
C GLU B 169 20.82 20.20 7.55
N MET B 170 20.16 19.32 8.31
CA MET B 170 20.79 18.10 8.71
C MET B 170 21.11 17.18 7.57
N ARG B 171 20.09 17.04 6.68
CA ARG B 171 20.32 16.15 5.58
C ARG B 171 21.46 16.72 4.67
N SER B 172 21.44 18.06 4.41
CA SER B 172 22.56 18.59 3.62
C SER B 172 23.92 18.40 4.27
N SER B 173 23.97 18.48 5.58
CA SER B 173 25.24 18.28 6.29
C SER B 173 25.74 16.86 6.11
N TYR B 174 24.82 15.88 6.10
CA TYR B 174 25.28 14.55 5.89
C TYR B 174 25.63 14.24 4.43
N ILE B 175 24.98 14.92 3.47
CA ILE B 175 25.44 14.82 2.10
C ILE B 175 26.86 15.37 1.94
N ARG B 176 27.06 16.52 2.56
CA ARG B 176 28.45 17.06 2.50
C ARG B 176 29.43 16.12 3.12
N GLU B 177 29.00 15.43 4.21
CA GLU B 177 29.93 14.48 4.79
C GLU B 177 30.22 13.24 3.97
N LEU B 178 29.21 12.75 3.22
CA LEU B 178 29.45 11.67 2.32
C LEU B 178 30.48 12.13 1.28
N ILE B 179 30.34 13.39 0.80
CA ILE B 179 31.35 13.92 -0.17
C ILE B 179 32.75 13.90 0.43
N LYS B 180 32.87 14.25 1.69
CA LYS B 180 34.24 14.16 2.36
C LYS B 180 34.67 12.67 2.45
N ALA B 181 33.73 11.74 2.76
CA ALA B 181 34.12 10.39 2.88
C ALA B 181 34.65 9.85 1.54
N ILE B 182 33.93 10.19 0.45
CA ILE B 182 34.38 9.82 -0.89
C ILE B 182 35.84 10.36 -1.09
N GLY B 183 36.05 11.60 -0.69
CA GLY B 183 37.35 12.24 -0.91
C GLY B 183 38.51 11.54 -0.24
N LEU B 184 38.29 10.75 0.83
CA LEU B 184 39.33 10.01 1.52
C LEU B 184 39.96 9.08 0.53
N ARG B 185 39.21 8.59 -0.46
CA ARG B 185 39.84 7.58 -1.32
C ARG B 185 39.96 7.96 -2.71
N GLN B 186 38.95 8.71 -3.20
CA GLN B 186 38.73 9.06 -4.62
C GLN B 186 39.42 10.35 -4.72
N LYS B 187 40.69 10.30 -5.15
CA LYS B 187 41.40 11.55 -5.11
C LYS B 187 41.08 12.39 -6.41
N GLY B 188 40.93 11.73 -7.57
CA GLY B 188 40.66 12.54 -8.78
C GLY B 188 39.31 13.32 -8.74
N VAL B 189 39.23 14.51 -9.33
CA VAL B 189 37.97 15.22 -9.41
C VAL B 189 36.85 14.40 -10.16
N VAL B 190 37.11 13.86 -11.32
CA VAL B 190 36.03 13.21 -12.06
C VAL B 190 35.74 11.91 -11.34
N SER B 191 36.74 11.20 -10.85
CA SER B 191 36.48 9.92 -10.15
C SER B 191 35.57 10.24 -8.96
N SER B 192 35.90 11.25 -8.21
CA SER B 192 35.11 11.58 -6.97
C SER B 192 33.71 11.93 -7.35
N SER B 193 33.52 12.66 -8.46
CA SER B 193 32.13 13.04 -8.87
C SER B 193 31.36 11.81 -9.28
N GLN B 194 31.96 10.92 -10.05
CA GLN B 194 31.31 9.74 -10.48
C GLN B 194 30.95 8.89 -9.23
N ARG B 195 31.84 8.80 -8.25
CA ARG B 195 31.56 7.92 -7.08
C ARG B 195 30.35 8.54 -6.35
N PHE B 196 30.27 9.86 -6.21
CA PHE B 196 29.04 10.45 -5.53
C PHE B 196 27.80 10.05 -6.27
N TYR B 197 27.80 10.05 -7.59
CA TYR B 197 26.63 9.64 -8.41
C TYR B 197 26.36 8.13 -8.14
N GLN B 198 27.37 7.28 -8.16
CA GLN B 198 27.14 5.86 -8.01
C GLN B 198 26.50 5.61 -6.59
N LEU B 199 27.07 6.23 -5.56
CA LEU B 199 26.61 5.83 -4.17
C LEU B 199 25.27 6.41 -4.02
N THR B 200 24.93 7.60 -4.54
CA THR B 200 23.63 8.16 -4.38
C THR B 200 22.60 7.42 -5.21
N LYS B 201 23.02 6.83 -6.33
CA LYS B 201 22.09 6.00 -7.09
C LYS B 201 21.84 4.75 -6.36
N LEU B 202 22.79 4.17 -5.69
CA LEU B 202 22.59 2.98 -4.93
C LEU B 202 21.44 3.29 -3.89
N LEU B 203 21.58 4.46 -3.24
CA LEU B 203 20.53 4.83 -2.23
C LEU B 203 19.17 4.92 -2.94
N ASP B 204 19.05 5.67 -4.08
CA ASP B 204 17.75 5.80 -4.78
C ASP B 204 17.23 4.39 -5.14
N ASN B 205 18.09 3.48 -5.50
CA ASN B 205 17.65 2.15 -5.95
C ASN B 205 17.08 1.35 -4.79
N LEU B 206 17.52 1.63 -3.58
CA LEU B 206 17.09 0.87 -2.41
C LEU B 206 15.60 1.11 -2.18
N HIS B 207 15.02 2.24 -2.57
CA HIS B 207 13.57 2.47 -2.40
C HIS B 207 12.84 1.34 -3.07
N ASP B 208 13.23 0.93 -4.34
CA ASP B 208 12.50 -0.10 -5.00
C ASP B 208 12.69 -1.47 -4.38
N LEU B 209 13.89 -1.80 -3.88
CA LEU B 209 14.13 -3.08 -3.29
C LEU B 209 13.32 -3.19 -1.98
N VAL B 210 13.36 -2.10 -1.20
CA VAL B 210 12.66 -2.13 0.07
C VAL B 210 11.12 -2.21 -0.19
N LYS B 211 10.58 -1.62 -1.23
CA LYS B 211 9.12 -1.80 -1.49
C LYS B 211 8.77 -3.27 -1.54
N GLN B 212 9.58 -4.12 -2.17
CA GLN B 212 9.26 -5.51 -2.18
C GLN B 212 9.21 -6.21 -0.78
N LEU B 213 10.19 -5.81 0.08
CA LEU B 213 10.28 -6.33 1.47
C LEU B 213 9.11 -5.81 2.28
N HIS B 214 8.77 -4.53 2.12
CA HIS B 214 7.64 -3.93 2.85
C HIS B 214 6.34 -4.70 2.48
N LEU B 215 6.08 -4.98 1.20
CA LEU B 215 4.85 -5.73 0.82
C LEU B 215 4.84 -7.11 1.46
N TYR B 216 5.97 -7.84 1.42
CA TYR B 216 5.94 -9.13 2.06
C TYR B 216 5.75 -9.06 3.52
N CYS B 217 6.40 -8.12 4.18
CA CYS B 217 6.24 -7.94 5.57
C CYS B 217 4.80 -7.61 5.94
N LEU B 218 4.16 -6.75 5.22
CA LEU B 218 2.77 -6.38 5.61
C LEU B 218 1.87 -7.56 5.34
N ASN B 219 2.11 -8.36 4.29
CA ASN B 219 1.23 -9.54 4.11
C ASN B 219 1.48 -10.54 5.24
N THR B 220 2.73 -10.71 5.67
CA THR B 220 3.03 -11.63 6.75
C THR B 220 2.39 -11.17 8.05
N PHE B 221 2.42 -9.87 8.28
CA PHE B 221 1.84 -9.28 9.52
C PHE B 221 0.34 -9.52 9.51
N ILE B 222 -0.31 -9.26 8.38
CA ILE B 222 -1.80 -9.53 8.31
C ILE B 222 -2.05 -10.99 8.63
N GLN B 223 -1.26 -11.90 8.12
CA GLN B 223 -1.50 -13.37 8.22
C GLN B 223 -0.71 -13.96 9.39
N SER B 224 -0.23 -13.15 10.37
CA SER B 224 0.71 -13.68 11.36
C SER B 224 0.15 -14.79 12.23
N ARG B 225 -1.16 -14.72 12.56
CA ARG B 225 -1.70 -15.83 13.38
C ARG B 225 -1.74 -17.16 12.66
N ALA B 226 -2.21 -17.14 11.40
CA ALA B 226 -2.26 -18.34 10.53
C ALA B 226 -0.92 -18.94 10.29
N LEU B 227 0.09 -18.04 10.15
CA LEU B 227 1.39 -18.47 9.78
C LEU B 227 2.27 -18.72 11.01
N SER B 228 1.83 -18.48 12.28
CA SER B 228 2.62 -18.54 13.47
C SER B 228 3.88 -17.75 13.36
N VAL B 229 3.74 -16.51 12.84
CA VAL B 229 4.94 -15.67 12.87
C VAL B 229 4.77 -14.61 13.92
N GLU B 230 5.66 -14.45 14.85
CA GLU B 230 5.52 -13.45 15.88
C GLU B 230 6.07 -12.10 15.38
N PHE B 231 5.41 -11.01 15.71
CA PHE B 231 5.92 -9.66 15.46
C PHE B 231 5.99 -8.97 16.79
N PRO B 232 7.18 -8.67 17.36
CA PRO B 232 7.33 -8.06 18.68
C PRO B 232 6.74 -6.66 18.70
N GLU B 233 6.77 -6.02 19.87
CA GLU B 233 6.03 -4.80 20.17
C GLU B 233 6.37 -3.62 19.33
N MET B 234 7.67 -3.27 19.24
CA MET B 234 7.99 -2.03 18.51
C MET B 234 7.82 -2.26 17.00
N MET B 235 8.22 -3.43 16.52
CA MET B 235 8.02 -3.78 15.15
C MET B 235 6.55 -3.68 14.75
N SER B 236 5.70 -4.20 15.60
CA SER B 236 4.25 -4.07 15.31
C SER B 236 3.82 -2.65 15.27
N GLU B 237 4.33 -1.86 16.23
CA GLU B 237 3.91 -0.43 16.29
C GLU B 237 4.35 0.28 14.96
N VAL B 238 5.60 0.08 14.53
CA VAL B 238 5.93 0.84 13.35
C VAL B 238 5.20 0.32 12.12
N ILE B 239 4.92 -0.98 12.03
CA ILE B 239 4.20 -1.51 10.86
C ILE B 239 2.80 -0.92 10.88
N ALA B 240 2.16 -0.95 12.07
CA ALA B 240 0.78 -0.43 12.04
C ALA B 240 0.69 1.06 11.92
N ALA B 241 1.74 1.79 12.36
CA ALA B 241 1.71 3.24 12.17
C ALA B 241 1.84 3.69 10.72
N GLN B 242 2.67 3.04 9.87
CA GLN B 242 3.00 3.66 8.58
C GLN B 242 3.05 2.74 7.40
N LEU B 243 3.09 1.40 7.59
CA LEU B 243 3.45 0.61 6.46
C LEU B 243 2.40 0.63 5.26
N PRO B 244 1.09 0.63 5.57
CA PRO B 244 0.12 0.77 4.47
C PRO B 244 0.29 2.13 3.79
N LYS B 245 0.51 3.21 4.57
CA LYS B 245 0.62 4.53 3.94
C LYS B 245 1.87 4.60 3.05
N ILE B 246 3.02 4.02 3.50
CA ILE B 246 4.24 3.96 2.65
C ILE B 246 4.01 3.15 1.37
N LEU B 247 3.35 1.99 1.47
CA LEU B 247 3.13 1.17 0.29
C LEU B 247 2.14 1.83 -0.67
N ALA B 248 1.17 2.64 -0.17
CA ALA B 248 0.27 3.39 -0.98
C ALA B 248 0.92 4.52 -1.70
N GLY B 249 2.21 4.81 -1.34
CA GLY B 249 2.89 5.95 -1.91
C GLY B 249 2.43 7.32 -1.38
N MET B 250 1.84 7.28 -0.18
CA MET B 250 1.39 8.50 0.44
C MET B 250 2.45 9.15 1.39
N VAL B 251 3.67 9.13 0.88
CA VAL B 251 4.80 9.72 1.56
C VAL B 251 5.62 10.25 0.43
N LYS B 252 6.64 10.99 0.74
CA LYS B 252 7.55 11.58 -0.24
C LYS B 252 9.00 10.95 -0.10
N PRO B 253 9.33 10.03 -0.98
CA PRO B 253 10.71 9.50 -1.03
C PRO B 253 11.60 10.50 -1.65
N LEU B 254 12.73 10.78 -1.04
CA LEU B 254 13.63 11.77 -1.56
C LEU B 254 14.56 10.94 -2.53
N LEU B 255 14.75 11.61 -3.66
CA LEU B 255 15.72 11.02 -4.61
C LEU B 255 16.84 11.96 -4.87
N PHE B 256 17.96 11.36 -5.14
CA PHE B 256 19.14 12.14 -5.50
C PHE B 256 19.08 12.43 -7.00
N HIS B 257 18.63 11.47 -7.80
CA HIS B 257 18.57 11.65 -9.27
C HIS B 257 17.11 11.75 -9.61
O35 MOF C . -23.01 0.76 1.43
C34 MOF C . -21.87 0.41 1.70
C33 MOF C . -21.65 -0.42 2.92
C32 MOF C . -20.71 0.94 0.95
C29 MOF C . -19.39 0.71 1.31
C26 MOF C . -18.24 1.31 0.46
C24 MOF C . -19.05 -0.23 2.45
C30 MOF C . -20.24 -0.71 3.26
C31 MOF C . -18.44 -1.51 1.83
C19 MOF C . -18.05 0.56 3.35
CL25 MOF C . -18.91 2.08 3.97
C15 MOF C . -17.67 -0.15 4.67
O21 MOF C . -17.27 -1.49 4.63
C14 MOF C . -16.80 1.05 2.56
C20 MOF C . -17.26 1.98 1.45
C6 MOF C . -15.82 1.70 3.52
C9 MOF C . -14.52 2.44 3.05
C3 MOF C . -13.79 2.70 4.32
C10 MOF C . -13.21 4.11 4.28
C2 MOF C . -15.49 1.01 4.85
C7 MOF C . -16.82 0.62 5.60
C8 MOF C . -14.73 -0.31 4.52
C1 MOF C . -14.53 2.04 5.49
C5 MOF C . -13.80 1.49 6.61
O13 MOF C . -12.57 1.39 6.50
C12 MOF C . -14.53 0.98 7.75
CL18 MOF C . -13.45 0.80 9.09
O4 MOF C . -15.50 3.07 5.93
C11 MOF C . -15.03 3.98 6.85
O17 MOF C . -13.96 3.94 7.45
C16 MOF C . -15.98 5.10 6.88
C22 MOF C . -17.04 5.13 6.11
C27 MOF C . -17.71 6.34 6.37
C28 MOF C . -16.93 7.03 7.32
O23 MOF C . -15.82 6.26 7.65
S SO4 D . 23.75 17.75 18.36
O1 SO4 D . 24.22 18.45 17.17
O2 SO4 D . 22.85 16.69 18.06
O3 SO4 D . 24.69 16.69 18.71
O4 SO4 D . 22.76 18.51 19.12
O35 MOF E . 19.14 -8.44 10.32
C34 MOF E . 17.99 -8.14 10.09
C33 MOF E . 17.01 -8.59 11.14
C32 MOF E . 17.66 -7.37 8.85
C29 MOF E . 16.25 -7.27 8.56
C26 MOF E . 15.89 -6.54 7.29
C24 MOF E . 15.12 -7.78 9.47
C30 MOF E . 15.64 -8.53 10.71
C31 MOF E . 14.47 -6.55 10.09
C19 MOF E . 14.16 -8.63 8.64
CL25 MOF E . 15.23 -10.05 8.09
C15 MOF E . 13.08 -9.34 9.49
O21 MOF E . 12.42 -8.38 10.28
C14 MOF E . 13.70 -7.86 7.40
C20 MOF E . 14.92 -7.44 6.50
C6 MOF E . 12.74 -8.68 6.63
C9 MOF E . 12.14 -8.28 5.27
C3 MOF E . 11.00 -9.29 5.09
C10 MOF E . 10.91 -9.92 3.70
C2 MOF E . 11.66 -9.40 7.46
C7 MOF E . 12.21 -10.22 8.66
C8 MOF E . 10.73 -8.27 7.93
C1 MOF E . 10.92 -10.15 6.35
C5 MOF E . 9.57 -10.65 6.77
O13 MOF E . 8.56 -10.30 6.25
C12 MOF E . 9.54 -11.72 7.85
CL18 MOF E . 7.93 -11.61 8.49
O4 MOF E . 11.84 -11.26 6.10
C11 MOF E . 11.46 -12.47 5.47
O17 MOF E . 10.30 -12.62 5.17
C16 MOF E . 12.56 -13.38 5.18
C22 MOF E . 12.62 -14.60 4.59
C27 MOF E . 13.96 -14.90 4.67
C28 MOF E . 14.72 -13.88 5.24
O23 MOF E . 13.85 -12.90 5.58
C1 GOL F . 9.71 4.84 3.22
O1 GOL F . 9.70 3.58 3.91
C2 GOL F . 10.25 4.54 1.81
O2 GOL F . 10.02 5.72 1.05
C3 GOL F . 11.62 3.89 2.08
O3 GOL F . 12.17 3.45 0.84
#